data_9N5O
#
_entry.id   9N5O
#
_cell.length_a   1.00
_cell.length_b   1.00
_cell.length_c   1.00
_cell.angle_alpha   90.00
_cell.angle_beta   90.00
_cell.angle_gamma   90.00
#
_symmetry.space_group_name_H-M   'P 1'
#
loop_
_entity.id
_entity.type
_entity.pdbx_description
1 polymer 'Gametocyte surface protein P230'
2 polymer '18F25 Heavy Chain'
3 polymer '18F25 Kappa Chain'
#
loop_
_entity_poly.entity_id
_entity_poly.type
_entity_poly.pdbx_seq_one_letter_code
_entity_poly.pdbx_strand_id
1 'polypeptide(L)'
;MKKIITLKNLFLIILVYIFSEKKDLRCNVIKGNNIKDDEDKRFHLFYYSHNLFKTPETKEKKNKKECFYKNGGIYNLSKE
IRMRKDTSVKIKQRTCPFHKEGSSFEMGSKNITCFYPIVGKKERKTLDTIIIKKNVTNDHVVSSDMHSNVQEKNMILIRN
IDKENKNDIQNVEEKIQRDTYENKDYESDDTLIEWFDDNTNEENFLLTFLKRCLMKIFSSPKRKKTVVQKKHKSNFFINS
SLKYIYMYLTPSDSFNLVRRNRNLDEEDMSPRDNFVIDDEEEEEEEEEEEEEEEEEEEEEEEEEYDDYVYEESGDETEEQ
LQEEHQEEVGAESSEESFNDEDEDSVEARDGDMIRVDEYYEDQDGDTYDSTIKNEDVDEEVGEEVGEEVGEEVGEEVGEE
VGEEVGEEVGEEVGEEEGEEVGEGVGEEVGEEEGEEVGEEEGEYVDEKERQGEIYPFGDEEEKDEGGESFTYEKSEVDKT
DLFKFIEGGEGDDVYKVDGSKVLLDDDTISRVSKKHTARDGEYGEYGEAVEDGENVIKIIRSVLQSGALPSVGVDELDKI
DLSYETTESGDTAVSEDSYDKYASNNTNKEYVCDFTDQLKPTESGPKVKKCEVKVNEPLIKVKIICPLKGSVEKLYDNIE
YVPKKSPYVVLTKEETKLKEKLLSKLIYGLLISPTVNEKENNFKEGVIEFTLPPVVHKATVFYFICDNSKTEDDNKKGNR
GIVEVYVEPYGNKINGCAFLDEDEEEEKYGNQIEEDEHNEKIKMKTFFTQNIYKKNNIYPCYMKLYSGDIGGILFPKNIK
STTCFEEMIPYNKEIKWNKENKSLGNLVNNSVVYNKEMNAKYFNVQYVHIPTSYKDTLNLFCSIILKEEESNLISTSYLV
YVSINEELNFSLFDFYESFVPIKKTIQVAQKNVNNKEHDYTCDFTDKLDKTVPSTANGKKLFICRKHLKEFDTFTLKCNV
NKTQYPNIEIFPKTLKDKKEVLKLDLDIQYQMFSKFFKFNTQNAKYLNLYPYYLIFPFNHIGKKELKNNPTYKNHKDVKY
FEQSSVLSPLSSADSLGKLLNFLDTQETVCLTEKIRYLNLSINELGSDNNTFSVTFQVPPYIDIKEPFYFMFGCNNNKGE
GNIGIVELLISKQEEKIKGCNFHESKLDYFNENISSDTHECTLHAYENDIIGFNCLETTHPNEVEVEVEDAEIYLQPENC
FNNVYKGLNSVDITTILKNAQTYNINNKKTPTFLKIPPYNLLEDVEISCQCTIKQVVKKIKVIITKNDTVLLKREVQSES
TLDDKIYKCEHENFINPRVNKTFDENVEYTCNIKIENFFNYIQIFCPAKDLGIYKNIQMYYDIVKPTRVPQFKKFNNEEL
HKLIPNSEMLHKTKEMLILYNEEKVDLLHFYVFLPIYIKDIYEFNIVCDNSKTMWKNQLGGKVIYHITVSKREQKVKGCS
FDNEHAHMFSYNKTNVKNCIIDAKPKDLIGFVCPSGTLKLTNCFKDAIVHTNLTNINGILYLKNNLANFTYKHQFNYMEI
PALMDNDISFKCICVDLKKKKYNVKSPLGPKVLRALYKKLNIKFDNYVTGTDQNKYLMTYMDLHLSHKRNYLKELFHDLG
KKKPADTDANPESIIESLSINESNESGPFPTGDVDAEHLILEGYDTWESLYDEQLEEVIYNDIESLELKDIEQYVLQVNL
KAPKLMMSAQIHNNRHVCDFSKNNLIVPESLKKKEELGGNPVNIHCYALLKPLDTLYVKCPTSKDNYEAAKVNISENDNE
YELQVISLIEKRFHNFETLESKKPGNGDVVVHNGVVDTGPVLDNSTFEKYFKNIKIKPDKFFEKVINEYDDTEEEKDLES
ILPGAIVSPMKVLKKKDPFTSYAAFVVPPIVPKDLHFKVECNNTEYKDENQYISGYNGIIHIDISNSNRKINGCDFSTNN
SSILTSSVKLVNGETKNCEININNNEVFGIICDNETNLDPEKCFHEIYSKDNKTVKKFREVIPNIDIFSLHNSNKKKVAY
AKVPLDYINKLLFSCSCKTSHTNTIGTMKVTLNKDEKEEEDFKTAQGIKHNNVHLCNFFDNPELTFDNNKIVLCKIDAEL
FSEVIIQLPIFGTKNVEEGVQNEEYKKFSLKPSLVFDDNNNDIKVIGKEKNEVSISLALKGVYGNRIFTFDKNGKKGEGI
SFFIPPIKQDTDLKFIINETIDNSNIKQRGLIYIFVRKNVSENSFKLCDFTTGSTSLMELNSQVKEKKCTVKIKKGDIFG
LKCPKGFAIFPQACFSNVLLEYYKSDYEDSEHINYYIHKDKKYNLKPKDVIELMDENFRELQNIQQYTGISNITDVLHFK
NFNLGNLPLNFKNHYSTAYAKVPDTFNSIINFSCNCYNPEKHVYGTMQVESDNRNFDNIKKNENVIKNFLLPNIEKYALL
LDDEERQKKIKQQQEEEQQEQILKDQDDRLSRHDDYNKNHTYILYDSNEHICDYEKNESLISTLPNDTKKIQKSICKINA
KALDVVTIKCPHTKNFTPKDYFPNSSLITNDKKIVITFDKKNFVTYIDPTKKTFSLKDIYIQSFYGVSLDHLNQIKKIHE
EWDDVHLFYPPHNVLHNVVLNNHIVNLSSALEGVLFMKSKVTGDETATKKNTTLPTDGVSSILIPPYVKEDITFHLFCGK
STTKKPNKKNTSLALIHIHISSNRNIIHGCDFLYLENQTNDAISNNNNNSYSIFTHNKNTENNLICDISLIPKTVIGIKC
PNKKLNPQTCFDEVYYVKQEDVPSKTITADKYNTFSKDKIGNILKNAISINNPDEKDNTYTYLILPEKFEEELIDTKKVL
ACTCDNKYIIHMKIEKSTMDKIKIDEKKTIGKDICKYDVTTKVATCEIIDTIDSSVLKEHHTVHYSITLSRWDKLIIKYP
TNEKTHFENFFVNPFNLKDKVLYNYNKPINIEHILPGAITTDIYDTRTKIKQYILRIPPYVHKDIHFSLEFNNSLSLTKQ
NQNIIYGNVAKIFIHINQGYKEIHGCDFTGKYSHLFTYSKKPLPNDDDICNVTIGNNTFSGFACLSHFELKPNNCFSSVY
DYNEANKVKKLFDLSTKVELDHIKQNTSGYTLSYIIFNKESTKLKFSCTCSSNYSNYTIRITFDPNYIIPEPQSRAIIKY
VDLQDKNFAKYLRKL
;
B
2 'polypeptide(L)'
;QVQLQQSGAELARPGASVKLSCKASGYTFTNYWMQWVKQRPGQGLEWFGAIYPGDGDTRYTQKFKGKATLTADKSSSTAY
MQLSSLASEDSAVYYCARSLYLGAMDYWGQGTSVTVSSASTKGPSVFPLAPSSKSTSGGTAALGCLVKDYFPEPVTVSWN
SGALTSGVHTFPAVLQSSGLYSLSSVVTVPSSSLGTQTYICNVNHKPSNTKVDKKVEPKSC
;
H
3 'polypeptide(L)'
;DIVMTQSHKFMSTSVGDRVSITCKASQDVTNDVAWYQQKPGQSPKLLIYSASYRYTGVPDRFTGSGSGTDFIFTISSVQA
EDLAVYYCQQHYSAPPTFGGGTKLEIKRTVAAPSVFIFPPSDEQLKSGTASVVCLLNNFYPREAKVQWKVDNALQSGNSQ
ESVTEQDSKDSTYSLSSTLTLSKADYEKHKVYACEVTHQGLSSPVTKSFNRGEC
;
L
#
# COMPACT_ATOMS: atom_id res chain seq x y z
N ALA A 1682 -4.65 3.02 -34.75
CA ALA A 1682 -3.58 3.34 -33.82
C ALA A 1682 -3.27 2.15 -32.93
N PRO A 1683 -2.08 2.14 -32.33
CA PRO A 1683 -1.82 1.18 -31.26
C PRO A 1683 -2.79 1.42 -30.10
N LYS A 1684 -2.71 0.56 -29.08
CA LYS A 1684 -3.65 0.69 -27.97
C LYS A 1684 -3.19 1.86 -27.10
N LEU A 1685 -3.51 3.06 -27.57
CA LEU A 1685 -3.06 4.31 -26.96
C LEU A 1685 -4.09 4.85 -25.98
N MET A 1686 -3.61 5.36 -24.85
CA MET A 1686 -4.47 6.06 -23.90
C MET A 1686 -3.73 7.27 -23.35
N MET A 1687 -4.49 8.27 -22.95
CA MET A 1687 -3.94 9.38 -22.19
C MET A 1687 -4.11 9.09 -20.69
N SER A 1688 -3.14 9.54 -19.90
CA SER A 1688 -3.30 9.41 -18.46
C SER A 1688 -4.54 10.19 -18.02
N ALA A 1689 -5.17 9.72 -16.96
CA ALA A 1689 -6.30 10.44 -16.39
C ALA A 1689 -5.81 11.73 -15.73
N GLN A 1690 -6.63 12.76 -15.76
CA GLN A 1690 -6.29 14.00 -15.08
C GLN A 1690 -7.23 14.24 -13.91
N ILE A 1691 -6.64 14.62 -12.78
CA ILE A 1691 -7.35 14.88 -11.53
C ILE A 1691 -6.97 16.26 -11.04
N HIS A 1692 -7.97 17.01 -10.58
CA HIS A 1692 -7.80 18.40 -10.14
C HIS A 1692 -7.17 19.17 -11.31
N ASN A 1693 -6.39 20.20 -11.03
CA ASN A 1693 -5.62 20.86 -12.06
C ASN A 1693 -4.13 20.51 -12.00
N ASN A 1694 -3.77 19.44 -11.29
CA ASN A 1694 -2.34 19.14 -11.21
C ASN A 1694 -1.97 17.65 -11.07
N ARG A 1695 -2.85 16.70 -11.38
CA ARG A 1695 -2.53 15.30 -11.18
C ARG A 1695 -2.80 14.47 -12.43
N HIS A 1696 -1.83 13.64 -12.84
CA HIS A 1696 -1.97 12.78 -14.02
C HIS A 1696 -1.68 11.33 -13.62
N VAL A 1697 -2.47 10.36 -14.09
CA VAL A 1697 -2.26 9.00 -13.59
C VAL A 1697 -2.72 7.93 -14.59
N CYS A 1698 -1.91 6.89 -14.76
CA CYS A 1698 -2.32 5.66 -15.44
C CYS A 1698 -1.45 4.49 -14.98
N ASP A 1699 -1.78 3.29 -15.46
CA ASP A 1699 -1.16 2.06 -14.98
C ASP A 1699 -0.92 1.09 -16.12
N PHE A 1700 -0.32 -0.04 -15.79
CA PHE A 1700 -0.25 -1.20 -16.66
C PHE A 1700 -0.92 -2.40 -16.02
N SER A 1701 -1.51 -3.22 -16.88
CA SER A 1701 -2.26 -4.42 -16.53
C SER A 1701 -1.32 -5.62 -16.39
N LYS A 1702 -1.89 -6.76 -15.97
CA LYS A 1702 -1.13 -7.97 -15.67
C LYS A 1702 -1.98 -9.22 -15.96
N ASN A 1703 -1.28 -10.35 -16.14
CA ASN A 1703 -1.88 -11.68 -16.40
C ASN A 1703 -2.69 -11.73 -17.69
N ASN A 1704 -2.18 -11.20 -18.79
CA ASN A 1704 -2.99 -11.12 -20.00
C ASN A 1704 -2.62 -12.14 -21.07
N LEU A 1705 -1.58 -12.94 -20.89
CA LEU A 1705 -1.21 -13.88 -21.94
C LEU A 1705 -1.77 -15.27 -21.70
N ILE A 1706 -2.50 -15.47 -20.60
CA ILE A 1706 -3.15 -16.73 -20.26
C ILE A 1706 -4.56 -16.76 -20.84
N VAL A 1707 -4.64 -16.97 -22.15
CA VAL A 1707 -5.89 -16.84 -22.88
C VAL A 1707 -6.72 -18.10 -22.80
N PRO A 1708 -8.00 -17.99 -23.12
CA PRO A 1708 -8.86 -19.17 -23.26
C PRO A 1708 -8.51 -20.11 -24.41
N GLU A 1709 -9.08 -21.31 -24.36
CA GLU A 1709 -8.77 -22.37 -25.33
C GLU A 1709 -9.13 -21.98 -26.76
N SER A 1710 -10.19 -21.18 -26.94
CA SER A 1710 -10.62 -20.77 -28.27
C SER A 1710 -9.53 -20.03 -29.02
N LEU A 1711 -8.58 -19.44 -28.29
CA LEU A 1711 -7.38 -18.84 -28.86
C LEU A 1711 -6.15 -19.73 -28.67
N LYS A 1712 -6.01 -20.24 -27.45
CA LYS A 1712 -4.81 -20.95 -27.02
C LYS A 1712 -4.53 -22.19 -27.86
N LYS A 1713 -5.58 -22.93 -28.25
CA LYS A 1713 -5.38 -24.16 -29.00
C LYS A 1713 -4.77 -23.89 -30.37
N LYS A 1714 -4.88 -22.66 -30.87
CA LYS A 1714 -4.33 -22.25 -32.14
C LYS A 1714 -2.92 -21.73 -32.01
N GLU A 1715 -2.43 -21.59 -30.78
CA GLU A 1715 -1.15 -20.96 -30.49
C GLU A 1715 -0.12 -22.01 -30.09
N GLU A 1716 1.15 -21.67 -30.30
CA GLU A 1716 2.27 -22.50 -29.91
C GLU A 1716 3.50 -21.61 -29.78
N LEU A 1717 4.45 -22.04 -28.96
CA LEU A 1717 5.78 -21.44 -28.84
C LEU A 1717 5.79 -20.11 -28.09
N GLY A 1718 4.84 -19.83 -27.21
CA GLY A 1718 5.06 -18.78 -26.24
C GLY A 1718 4.14 -17.57 -26.44
N GLY A 1719 3.99 -16.79 -25.37
CA GLY A 1719 3.22 -15.56 -25.40
C GLY A 1719 4.08 -14.31 -25.54
N ASN A 1720 3.44 -13.22 -25.98
CA ASN A 1720 4.17 -12.02 -26.37
C ASN A 1720 3.55 -10.74 -25.81
N PRO A 1721 4.36 -9.70 -25.66
CA PRO A 1721 3.82 -8.42 -25.21
C PRO A 1721 2.91 -7.76 -26.24
N VAL A 1722 2.18 -6.75 -25.77
CA VAL A 1722 1.14 -6.11 -26.56
C VAL A 1722 1.44 -4.63 -26.73
N ASN A 1723 0.83 -4.04 -27.76
CA ASN A 1723 1.12 -2.65 -28.17
C ASN A 1723 0.29 -1.63 -27.37
N ILE A 1724 0.53 -1.56 -26.05
CA ILE A 1724 -0.20 -0.65 -25.18
C ILE A 1724 0.70 0.51 -24.77
N HIS A 1725 0.15 1.74 -24.87
CA HIS A 1725 0.90 2.95 -24.54
C HIS A 1725 0.05 3.90 -23.71
N CYS A 1726 0.67 4.58 -22.75
CA CYS A 1726 0.00 5.63 -21.99
C CYS A 1726 0.81 6.91 -22.06
N TYR A 1727 0.13 8.03 -22.27
CA TYR A 1727 0.80 9.31 -22.53
C TYR A 1727 0.48 10.31 -21.43
N ALA A 1728 1.49 11.10 -21.09
CA ALA A 1728 1.37 12.21 -20.18
C ALA A 1728 1.71 13.49 -20.92
N LEU A 1729 1.06 14.57 -20.53
CA LEU A 1729 1.37 15.91 -21.03
C LEU A 1729 1.47 16.82 -19.82
N LEU A 1730 2.68 17.26 -19.51
CA LEU A 1730 2.92 17.91 -18.24
C LEU A 1730 3.11 19.41 -18.44
N LYS A 1731 2.64 20.15 -17.46
CA LYS A 1731 2.84 21.59 -17.38
C LYS A 1731 3.64 21.85 -16.11
N PRO A 1732 4.27 23.02 -16.00
CA PRO A 1732 5.10 23.26 -14.82
C PRO A 1732 4.31 23.00 -13.54
N LEU A 1733 4.94 22.26 -12.64
CA LEU A 1733 4.57 22.09 -11.25
C LEU A 1733 3.41 21.14 -11.06
N ASP A 1734 2.94 20.47 -12.11
CA ASP A 1734 1.98 19.39 -11.92
C ASP A 1734 2.72 18.08 -11.59
N THR A 1735 1.96 17.03 -11.28
CA THR A 1735 2.53 15.76 -10.86
C THR A 1735 2.06 14.63 -11.74
N LEU A 1736 3.01 13.79 -12.18
CA LEU A 1736 2.68 12.57 -12.91
C LEU A 1736 2.90 11.33 -12.04
N TYR A 1737 1.87 10.48 -11.99
CA TYR A 1737 1.85 9.21 -11.28
C TYR A 1737 1.79 8.05 -12.25
N VAL A 1738 2.69 7.08 -12.07
CA VAL A 1738 2.68 5.88 -12.90
C VAL A 1738 2.63 4.65 -12.01
N LYS A 1739 1.69 3.75 -12.33
CA LYS A 1739 1.46 2.51 -11.61
C LYS A 1739 1.88 1.32 -12.45
N CYS A 1740 2.60 0.41 -11.83
CA CYS A 1740 3.11 -0.78 -12.49
C CYS A 1740 2.90 -1.97 -11.58
N PRO A 1741 2.82 -3.17 -12.14
CA PRO A 1741 2.86 -4.38 -11.33
C PRO A 1741 4.07 -4.40 -10.40
N THR A 1742 3.81 -4.75 -9.14
CA THR A 1742 4.82 -4.74 -8.08
C THR A 1742 5.88 -5.82 -8.31
N SER A 1743 7.16 -5.48 -8.16
CA SER A 1743 8.21 -6.48 -8.25
C SER A 1743 8.07 -7.49 -7.11
N LYS A 1744 8.56 -8.72 -7.34
CA LYS A 1744 8.47 -9.69 -6.27
C LYS A 1744 9.16 -9.21 -5.00
N ASP A 1745 10.30 -8.50 -5.14
CA ASP A 1745 10.99 -8.03 -3.96
C ASP A 1745 10.10 -7.08 -3.16
N ASN A 1746 9.45 -6.16 -3.85
CA ASN A 1746 8.57 -5.25 -3.14
C ASN A 1746 7.31 -5.94 -2.65
N TYR A 1747 6.81 -6.95 -3.39
CA TYR A 1747 5.70 -7.76 -2.88
C TYR A 1747 6.04 -8.39 -1.52
N GLU A 1748 7.17 -9.09 -1.47
CA GLU A 1748 7.56 -9.76 -0.24
C GLU A 1748 7.73 -8.75 0.87
N ALA A 1749 8.30 -7.58 0.55
CA ALA A 1749 8.44 -6.54 1.56
C ALA A 1749 7.09 -6.05 2.05
N ALA A 1750 6.13 -5.86 1.13
CA ALA A 1750 4.79 -5.44 1.55
C ALA A 1750 4.25 -6.37 2.62
N LYS A 1751 4.50 -7.67 2.49
CA LYS A 1751 3.90 -8.58 3.45
C LYS A 1751 4.30 -8.34 4.91
N VAL A 1752 5.42 -7.64 5.17
CA VAL A 1752 5.74 -7.21 6.51
C VAL A 1752 5.50 -5.71 6.72
N ASN A 1753 5.68 -4.90 5.69
CA ASN A 1753 5.46 -3.47 5.77
C ASN A 1753 3.99 -3.10 5.97
N ILE A 1754 3.07 -4.01 5.63
CA ILE A 1754 1.64 -3.76 5.78
C ILE A 1754 1.31 -3.41 7.23
N SER A 1755 2.12 -3.89 8.17
CA SER A 1755 1.85 -3.60 9.56
C SER A 1755 2.06 -2.14 9.92
N GLU A 1756 2.63 -1.33 9.01
CA GLU A 1756 2.90 0.08 9.25
C GLU A 1756 1.88 0.96 8.55
N ASN A 1757 1.68 2.17 9.08
CA ASN A 1757 0.73 3.14 8.53
C ASN A 1757 1.43 4.15 7.61
N ASP A 1758 0.64 4.71 6.69
CA ASP A 1758 1.07 5.78 5.79
C ASP A 1758 0.51 7.13 6.25
N ASN A 1759 1.17 8.21 5.86
CA ASN A 1759 0.71 9.53 6.25
C ASN A 1759 -0.47 9.99 5.40
N GLU A 1760 -1.14 11.04 5.86
CA GLU A 1760 -2.38 11.49 5.21
C GLU A 1760 -2.14 11.87 3.76
N TYR A 1761 -1.05 12.57 3.46
CA TYR A 1761 -0.84 12.96 2.06
C TYR A 1761 -0.77 11.72 1.17
N GLU A 1762 0.05 10.74 1.55
CA GLU A 1762 0.16 9.55 0.72
C GLU A 1762 -1.15 8.78 0.65
N LEU A 1763 -1.96 8.79 1.72
CA LEU A 1763 -3.29 8.19 1.64
C LEU A 1763 -4.18 8.92 0.63
N GLN A 1764 -4.12 10.25 0.62
CA GLN A 1764 -4.84 11.02 -0.37
C GLN A 1764 -4.36 10.67 -1.78
N VAL A 1765 -3.05 10.51 -1.94
CA VAL A 1765 -2.50 10.09 -3.23
C VAL A 1765 -3.11 8.76 -3.65
N ILE A 1766 -3.19 7.81 -2.72
CA ILE A 1766 -3.78 6.51 -3.04
C ILE A 1766 -5.18 6.70 -3.58
N SER A 1767 -5.97 7.56 -2.93
CA SER A 1767 -7.31 7.81 -3.48
C SER A 1767 -7.26 8.49 -4.84
N LEU A 1768 -6.18 9.21 -5.17
CA LEU A 1768 -6.03 9.74 -6.52
C LEU A 1768 -5.78 8.62 -7.54
N ILE A 1769 -5.00 7.61 -7.17
CA ILE A 1769 -4.45 6.67 -8.13
C ILE A 1769 -4.96 5.26 -7.94
N GLU A 1770 -5.84 5.00 -6.97
CA GLU A 1770 -6.28 3.64 -6.73
C GLU A 1770 -7.02 3.04 -7.93
N LYS A 1771 -7.54 3.88 -8.83
CA LYS A 1771 -8.28 3.37 -9.98
C LYS A 1771 -7.42 2.49 -10.87
N ARG A 1772 -7.97 1.32 -11.24
CA ARG A 1772 -7.34 0.40 -12.19
C ARG A 1772 -7.94 0.63 -13.58
N PHE A 1773 -7.12 0.50 -14.63
CA PHE A 1773 -7.58 0.80 -15.99
C PHE A 1773 -7.72 -0.51 -16.78
N HIS A 1774 -8.97 -1.00 -16.87
CA HIS A 1774 -9.32 -2.25 -17.54
C HIS A 1774 -10.54 -2.03 -18.45
N ASN A 1775 -10.42 -1.10 -19.39
CA ASN A 1775 -11.58 -0.69 -20.19
C ASN A 1775 -11.85 -1.73 -21.27
N PHE A 1776 -12.79 -2.64 -20.98
CA PHE A 1776 -13.25 -3.62 -21.94
C PHE A 1776 -14.43 -3.14 -22.76
N GLU A 1777 -14.80 -1.87 -22.63
CA GLU A 1777 -15.95 -1.34 -23.33
C GLU A 1777 -17.16 -2.24 -23.14
N THR A 1778 -17.90 -2.48 -24.22
CA THR A 1778 -19.09 -3.32 -24.17
C THR A 1778 -18.71 -4.78 -24.41
N LEU A 1779 -18.12 -5.40 -23.38
CA LEU A 1779 -17.67 -6.79 -23.52
C LEU A 1779 -18.89 -7.71 -23.46
N GLU A 1780 -19.61 -7.75 -24.59
CA GLU A 1780 -20.88 -8.47 -24.71
C GLU A 1780 -20.70 -9.59 -25.72
N SER A 1781 -20.57 -10.82 -25.23
CA SER A 1781 -20.41 -12.02 -26.06
C SER A 1781 -19.19 -11.91 -26.98
N LYS A 1782 -18.13 -11.29 -26.47
CA LYS A 1782 -16.91 -11.13 -27.23
C LYS A 1782 -15.73 -11.61 -26.41
N LYS A 1783 -14.67 -11.99 -27.10
CA LYS A 1783 -13.42 -12.28 -26.41
C LYS A 1783 -12.83 -11.01 -25.82
N PRO A 1784 -12.22 -11.10 -24.64
CA PRO A 1784 -11.64 -9.91 -24.03
C PRO A 1784 -10.38 -9.44 -24.74
N GLY A 1785 -10.04 -8.19 -24.48
CA GLY A 1785 -8.83 -7.61 -25.02
C GLY A 1785 -8.00 -6.93 -23.95
N ASP A 1803 -0.77 -18.44 -3.20
CA ASP A 1803 -0.33 -18.28 -4.57
C ASP A 1803 -0.14 -16.84 -4.95
N ASN A 1804 -0.26 -15.93 -3.99
CA ASN A 1804 0.04 -14.55 -4.33
C ASN A 1804 1.54 -14.36 -4.62
N SER A 1805 2.40 -14.95 -3.80
CA SER A 1805 3.78 -15.01 -4.26
C SER A 1805 3.96 -15.98 -5.41
N THR A 1806 3.14 -17.02 -5.54
CA THR A 1806 3.22 -17.82 -6.76
C THR A 1806 2.99 -16.96 -7.97
N PHE A 1807 2.04 -16.03 -7.91
CA PHE A 1807 1.91 -15.09 -9.01
C PHE A 1807 3.21 -14.33 -9.23
N GLU A 1808 3.83 -13.83 -8.17
CA GLU A 1808 5.09 -13.10 -8.33
C GLU A 1808 6.17 -13.99 -8.95
N LYS A 1809 6.22 -15.25 -8.53
CA LYS A 1809 7.15 -16.24 -9.06
C LYS A 1809 6.77 -16.67 -10.47
N TYR A 1810 5.48 -16.84 -10.66
CA TYR A 1810 4.88 -17.15 -11.94
C TYR A 1810 5.29 -16.13 -13.00
N PHE A 1811 5.21 -14.84 -12.66
CA PHE A 1811 5.80 -13.79 -13.45
C PHE A 1811 7.32 -13.83 -13.43
N LYS A 1812 7.91 -14.87 -12.84
CA LYS A 1812 9.36 -14.98 -12.68
C LYS A 1812 9.94 -13.69 -12.10
N ASN A 1813 9.32 -13.19 -11.02
CA ASN A 1813 9.72 -11.91 -10.43
C ASN A 1813 9.50 -10.74 -11.40
N ILE A 1814 8.33 -10.10 -11.34
CA ILE A 1814 8.07 -8.94 -12.19
C ILE A 1814 9.28 -8.00 -12.26
N LYS A 1815 9.64 -7.62 -13.47
CA LYS A 1815 10.85 -6.82 -13.73
C LYS A 1815 10.51 -5.52 -14.46
N ILE A 1816 10.18 -4.49 -13.68
CA ILE A 1816 9.89 -3.17 -14.20
C ILE A 1816 11.09 -2.28 -13.93
N LYS A 1817 11.03 -1.04 -14.38
CA LYS A 1817 12.09 -0.10 -14.06
C LYS A 1817 12.25 0.07 -12.54
N PRO A 1818 13.45 -0.12 -12.00
CA PRO A 1818 13.61 -0.27 -10.55
C PRO A 1818 13.88 1.04 -9.82
N ASP A 1819 13.82 0.95 -8.48
CA ASP A 1819 14.35 1.95 -7.51
C ASP A 1819 13.68 3.32 -7.74
N LYS A 1820 14.45 4.41 -7.86
CA LYS A 1820 13.91 5.76 -8.06
C LYS A 1820 13.46 5.86 -9.51
N PHE A 1821 12.34 5.18 -9.77
CA PHE A 1821 11.72 5.06 -11.09
C PHE A 1821 11.82 6.36 -11.88
N PHE A 1822 11.52 7.48 -11.23
CA PHE A 1822 11.49 8.78 -11.90
C PHE A 1822 12.64 9.69 -11.51
N GLU A 1823 13.57 9.26 -10.65
CA GLU A 1823 14.71 10.16 -10.51
C GLU A 1823 15.75 9.93 -11.61
N LYS A 1824 15.91 8.68 -12.00
CA LYS A 1824 16.79 8.28 -13.10
C LYS A 1824 15.89 8.04 -14.30
N VAL A 1825 15.85 9.01 -15.22
CA VAL A 1825 14.85 9.05 -16.27
C VAL A 1825 15.49 9.05 -17.64
N ILE A 1826 14.80 8.41 -18.59
CA ILE A 1826 15.27 8.26 -19.95
C ILE A 1826 14.70 9.38 -20.80
N ASN A 1827 15.57 10.21 -21.36
CA ASN A 1827 15.10 11.13 -22.38
C ASN A 1827 14.85 10.38 -23.70
N GLU A 1828 13.83 10.82 -24.42
CA GLU A 1828 13.59 10.27 -25.75
C GLU A 1828 14.47 10.93 -26.78
N TYR A 1829 15.48 11.69 -26.33
CA TYR A 1829 16.36 12.44 -27.21
C TYR A 1829 17.20 11.54 -28.12
N ASP A 1830 17.68 10.41 -27.61
CA ASP A 1830 18.51 9.56 -28.45
C ASP A 1830 18.57 8.13 -27.96
N ASP A 1831 19.19 7.28 -28.80
CA ASP A 1831 19.26 5.84 -28.63
C ASP A 1831 20.03 5.42 -27.38
N THR A 1832 20.80 6.31 -26.76
CA THR A 1832 21.48 5.95 -25.52
C THR A 1832 20.47 5.59 -24.43
N GLU A 1833 19.35 6.29 -24.40
CA GLU A 1833 18.31 6.10 -23.38
C GLU A 1833 18.90 6.16 -21.97
N GLU A 1834 19.82 7.09 -21.76
CA GLU A 1834 20.49 7.21 -20.47
C GLU A 1834 19.50 7.55 -19.37
N GLU A 1835 19.58 6.82 -18.26
CA GLU A 1835 18.73 7.09 -17.10
C GLU A 1835 19.37 8.20 -16.28
N LYS A 1836 19.14 9.44 -16.75
CA LYS A 1836 19.76 10.64 -16.20
C LYS A 1836 19.03 11.13 -14.96
N ASP A 1837 19.77 11.81 -14.07
CA ASP A 1837 19.11 12.50 -12.96
C ASP A 1837 18.01 13.38 -13.55
N LEU A 1838 16.80 13.25 -13.03
CA LEU A 1838 15.70 14.10 -13.46
C LEU A 1838 16.13 15.56 -13.40
N GLU A 1839 16.86 15.91 -12.35
CA GLU A 1839 17.32 17.26 -12.08
C GLU A 1839 18.24 17.82 -13.15
N SER A 1840 18.97 16.95 -13.86
CA SER A 1840 19.88 17.44 -14.91
C SER A 1840 19.14 17.84 -16.17
N ILE A 1841 17.89 17.44 -16.27
CA ILE A 1841 16.98 17.86 -17.32
C ILE A 1841 16.03 18.94 -16.82
N LEU A 1842 15.48 18.71 -15.61
CA LEU A 1842 14.43 19.51 -14.98
C LEU A 1842 15.00 19.94 -13.64
N PRO A 1843 15.88 20.94 -13.62
CA PRO A 1843 16.45 21.37 -12.33
C PRO A 1843 15.36 21.83 -11.37
N GLY A 1844 15.51 21.46 -10.10
CA GLY A 1844 14.50 21.74 -9.11
C GLY A 1844 13.33 20.78 -9.09
N ALA A 1845 13.32 19.75 -9.93
CA ALA A 1845 12.24 18.78 -9.97
C ALA A 1845 12.15 18.03 -8.65
N ILE A 1846 10.92 17.62 -8.31
CA ILE A 1846 10.64 16.86 -7.08
C ILE A 1846 10.22 15.45 -7.49
N VAL A 1847 10.83 14.44 -6.88
CA VAL A 1847 10.60 13.07 -7.34
C VAL A 1847 10.68 12.06 -6.19
N SER A 1848 9.76 11.09 -6.22
CA SER A 1848 9.63 10.02 -5.23
C SER A 1848 10.52 8.83 -5.57
N PRO A 1849 10.77 7.94 -4.59
CA PRO A 1849 11.14 6.58 -4.92
C PRO A 1849 9.91 5.80 -5.36
N MET A 1850 10.10 4.64 -5.97
CA MET A 1850 8.90 3.86 -6.30
C MET A 1850 8.40 3.14 -5.04
N LYS A 1851 7.05 3.08 -4.87
CA LYS A 1851 6.41 2.62 -3.64
C LYS A 1851 5.10 1.88 -3.92
N VAL A 1852 4.74 0.92 -3.05
CA VAL A 1852 3.57 0.05 -3.26
C VAL A 1852 2.26 0.82 -3.10
N LEU A 1853 1.32 0.56 -4.02
CA LEU A 1853 0.05 1.30 -4.10
C LEU A 1853 -0.78 1.18 -2.83
N LYS A 1854 -1.18 -0.05 -2.51
CA LYS A 1854 -1.79 -0.36 -1.23
C LYS A 1854 -1.05 -1.59 -0.77
N LYS A 1855 -0.37 -1.49 0.37
CA LYS A 1855 0.37 -2.66 0.81
C LYS A 1855 -0.57 -3.83 1.05
N LYS A 1856 -1.85 -3.56 1.30
CA LYS A 1856 -2.87 -4.57 1.52
C LYS A 1856 -3.49 -5.06 0.22
N ASP A 1857 -3.05 -4.49 -0.90
CA ASP A 1857 -3.34 -4.99 -2.24
C ASP A 1857 -2.03 -4.94 -3.01
N PRO A 1858 -1.00 -5.67 -2.53
CA PRO A 1858 0.42 -5.46 -2.90
C PRO A 1858 0.74 -6.06 -4.26
N PHE A 1859 -0.06 -5.68 -5.24
CA PHE A 1859 0.21 -6.09 -6.61
C PHE A 1859 0.61 -4.94 -7.49
N THR A 1860 0.41 -3.71 -7.03
CA THR A 1860 0.68 -2.50 -7.79
C THR A 1860 1.56 -1.56 -6.98
N SER A 1861 2.57 -1.01 -7.63
CA SER A 1861 3.48 -0.01 -7.08
C SER A 1861 3.45 1.21 -7.98
N TYR A 1862 3.89 2.35 -7.45
CA TYR A 1862 3.81 3.56 -8.25
C TYR A 1862 4.94 4.51 -7.90
N ALA A 1863 5.13 5.48 -8.80
CA ALA A 1863 6.14 6.52 -8.62
C ALA A 1863 5.64 7.82 -9.22
N ALA A 1864 6.20 8.94 -8.77
CA ALA A 1864 5.71 10.22 -9.28
C ALA A 1864 6.76 11.30 -9.22
N PHE A 1865 6.55 12.32 -10.06
CA PHE A 1865 7.43 13.48 -10.04
C PHE A 1865 6.70 14.77 -10.43
N VAL A 1866 7.33 15.89 -10.06
CA VAL A 1866 6.81 17.24 -10.28
C VAL A 1866 7.73 17.99 -11.24
N VAL A 1867 7.13 18.55 -12.29
CA VAL A 1867 7.87 19.23 -13.36
C VAL A 1867 8.10 20.67 -12.97
N PRO A 1868 9.33 21.14 -12.96
CA PRO A 1868 9.61 22.54 -12.63
C PRO A 1868 9.28 23.50 -13.76
N PRO A 1869 9.42 24.80 -13.51
CA PRO A 1869 9.19 25.81 -14.54
C PRO A 1869 10.10 25.73 -15.76
N ILE A 1870 11.25 25.08 -15.67
CA ILE A 1870 12.25 25.13 -16.73
C ILE A 1870 12.39 23.75 -17.35
N VAL A 1871 12.26 23.69 -18.66
CA VAL A 1871 12.48 22.51 -19.48
C VAL A 1871 13.50 22.87 -20.56
N PRO A 1872 14.26 21.91 -21.04
CA PRO A 1872 15.15 22.13 -22.20
C PRO A 1872 14.39 22.13 -23.51
N LYS A 1873 13.51 23.13 -23.67
CA LYS A 1873 12.66 23.28 -24.85
C LYS A 1873 11.79 22.04 -24.98
N ASP A 1874 11.85 21.29 -26.09
CA ASP A 1874 10.95 20.18 -26.37
C ASP A 1874 11.43 18.96 -25.61
N LEU A 1875 10.90 18.76 -24.41
CA LEU A 1875 11.35 17.72 -23.49
C LEU A 1875 10.42 16.52 -23.50
N HIS A 1876 11.00 15.31 -23.68
CA HIS A 1876 10.28 14.03 -23.62
C HIS A 1876 11.03 13.03 -22.77
N PHE A 1877 10.30 12.28 -21.92
CA PHE A 1877 10.87 11.17 -21.16
C PHE A 1877 10.09 9.88 -21.39
N LYS A 1878 10.70 8.75 -21.02
CA LYS A 1878 9.93 7.52 -21.01
C LYS A 1878 10.34 6.58 -19.88
N VAL A 1879 9.37 5.75 -19.48
CA VAL A 1879 9.54 4.71 -18.47
C VAL A 1879 8.79 3.46 -18.94
N GLU A 1880 9.17 2.28 -18.42
CA GLU A 1880 8.46 1.06 -18.84
C GLU A 1880 8.46 -0.02 -17.77
N CYS A 1881 7.52 -0.97 -17.93
CA CYS A 1881 7.22 -1.99 -16.91
C CYS A 1881 6.97 -3.35 -17.57
N ASN A 1882 7.90 -4.32 -17.38
CA ASN A 1882 7.86 -5.67 -17.97
C ASN A 1882 7.54 -6.75 -16.94
N ASN A 1883 7.12 -7.92 -17.42
CA ASN A 1883 6.95 -9.11 -16.57
C ASN A 1883 6.92 -10.36 -17.46
N THR A 1884 6.81 -11.55 -16.84
CA THR A 1884 6.75 -12.80 -17.59
C THR A 1884 5.54 -13.64 -17.14
N GLU A 1885 5.30 -14.77 -17.81
CA GLU A 1885 4.23 -15.71 -17.43
C GLU A 1885 4.32 -16.97 -18.32
N TYR A 1886 3.29 -17.83 -18.26
CA TYR A 1886 3.26 -19.01 -19.13
C TYR A 1886 1.84 -19.55 -19.28
N LYS A 1887 1.67 -20.48 -20.22
CA LYS A 1887 0.33 -20.92 -20.61
C LYS A 1887 0.34 -22.37 -21.08
N ASP A 1888 -0.86 -22.86 -21.42
CA ASP A 1888 -1.14 -24.27 -21.70
C ASP A 1888 -0.80 -24.62 -23.16
N GLU A 1889 0.51 -24.65 -23.41
CA GLU A 1889 1.06 -24.93 -24.73
C GLU A 1889 2.13 -26.02 -24.56
N ASN A 1890 2.91 -26.33 -25.61
CA ASN A 1890 3.98 -27.30 -25.42
C ASN A 1890 5.31 -26.66 -25.01
N GLN A 1891 5.39 -25.32 -24.90
CA GLN A 1891 6.61 -24.58 -24.59
C GLN A 1891 6.64 -24.00 -23.18
N TYR A 1892 5.52 -23.40 -22.76
CA TYR A 1892 5.30 -22.87 -21.40
C TYR A 1892 6.13 -21.65 -21.06
N ILE A 1893 6.21 -20.68 -21.98
CA ILE A 1893 6.90 -19.43 -21.70
C ILE A 1893 6.09 -18.25 -22.23
N SER A 1894 6.39 -17.06 -21.68
CA SER A 1894 5.65 -15.86 -22.10
C SER A 1894 6.18 -14.54 -21.52
N GLY A 1895 6.18 -13.44 -22.28
CA GLY A 1895 6.59 -12.14 -21.74
C GLY A 1895 5.62 -11.03 -22.09
N TYR A 1896 5.60 -9.99 -21.24
CA TYR A 1896 4.64 -8.90 -21.38
C TYR A 1896 5.30 -7.57 -21.01
N ASN A 1897 4.81 -6.46 -21.60
CA ASN A 1897 5.41 -5.14 -21.40
C ASN A 1897 4.36 -4.01 -21.47
N GLY A 1898 4.66 -2.91 -20.78
CA GLY A 1898 3.90 -1.67 -20.93
C GLY A 1898 4.80 -0.45 -20.85
N ILE A 1899 4.36 0.65 -21.46
CA ILE A 1899 5.24 1.81 -21.69
C ILE A 1899 4.53 3.16 -21.51
N ILE A 1900 5.25 4.16 -20.97
CA ILE A 1900 4.71 5.50 -20.85
C ILE A 1900 5.65 6.54 -21.46
N HIS A 1901 5.06 7.43 -22.27
CA HIS A 1901 5.65 8.58 -22.95
C HIS A 1901 5.21 9.87 -22.27
N ILE A 1902 6.17 10.69 -21.86
CA ILE A 1902 5.90 11.89 -21.07
C ILE A 1902 6.33 13.10 -21.88
N ASP A 1903 5.36 13.93 -22.26
CA ASP A 1903 5.54 15.16 -23.01
C ASP A 1903 5.28 16.36 -22.09
N ILE A 1904 5.47 17.57 -22.64
CA ILE A 1904 5.30 18.83 -21.91
C ILE A 1904 4.53 19.81 -22.79
N SER A 1905 3.84 20.77 -22.17
CA SER A 1905 3.10 21.78 -22.93
C SER A 1905 3.88 23.09 -22.96
N ASN A 1906 3.36 24.05 -23.73
CA ASN A 1906 4.05 25.32 -23.99
C ASN A 1906 3.69 26.35 -22.92
N SER A 1907 4.14 26.06 -21.69
CA SER A 1907 3.87 26.94 -20.57
C SER A 1907 5.09 27.12 -19.68
N ASN A 1908 6.28 26.79 -20.18
CA ASN A 1908 7.50 26.84 -19.41
C ASN A 1908 8.14 28.23 -19.47
N ARG A 1909 8.67 28.69 -18.34
CA ARG A 1909 9.13 30.07 -18.21
C ARG A 1909 9.85 30.24 -16.88
N LYS A 1910 10.61 31.32 -16.75
CA LYS A 1910 11.09 31.70 -15.43
C LYS A 1910 9.95 32.24 -14.57
N ILE A 1911 10.03 31.99 -13.26
CA ILE A 1911 8.94 32.27 -12.34
C ILE A 1911 9.49 33.01 -11.11
N ASN A 1912 8.60 33.39 -10.22
CA ASN A 1912 8.99 34.03 -8.97
C ASN A 1912 9.51 33.00 -7.96
N GLY A 1913 10.19 33.51 -6.92
CA GLY A 1913 10.70 32.58 -5.93
C GLY A 1913 11.99 32.81 -5.14
N CYS A 1914 12.81 33.82 -5.46
CA CYS A 1914 13.90 34.26 -4.58
C CYS A 1914 14.96 33.16 -4.39
N ASP A 1915 15.64 32.83 -5.48
CA ASP A 1915 16.71 31.80 -5.54
C ASP A 1915 17.79 32.02 -4.47
N PHE A 1916 18.10 30.99 -3.69
CA PHE A 1916 19.07 31.07 -2.60
C PHE A 1916 20.44 30.56 -2.98
N SER A 1917 20.66 30.26 -4.26
CA SER A 1917 21.98 29.86 -4.73
C SER A 1917 22.68 30.96 -5.50
N THR A 1918 21.98 31.64 -6.39
CA THR A 1918 22.63 32.64 -7.21
C THR A 1918 21.64 33.69 -7.68
N ASN A 1919 22.17 34.88 -7.92
CA ASN A 1919 21.41 35.94 -8.56
C ASN A 1919 21.15 35.63 -10.02
N ASN A 1920 22.08 34.95 -10.68
CA ASN A 1920 21.93 34.59 -12.10
C ASN A 1920 21.18 33.27 -12.23
N SER A 1921 19.95 33.28 -11.72
CA SER A 1921 19.15 32.06 -11.68
C SER A 1921 18.72 31.68 -13.09
N SER A 1922 18.84 30.39 -13.39
CA SER A 1922 18.30 29.86 -14.62
C SER A 1922 16.81 29.56 -14.52
N ILE A 1923 16.23 29.70 -13.32
CA ILE A 1923 14.85 29.32 -13.07
C ILE A 1923 13.99 30.52 -12.66
N LEU A 1924 14.53 31.42 -11.85
CA LEU A 1924 13.71 32.42 -11.19
C LEU A 1924 13.99 33.80 -11.73
N THR A 1925 12.97 34.64 -11.65
CA THR A 1925 13.03 36.06 -11.95
C THR A 1925 13.41 36.90 -10.74
N SER A 1926 13.73 36.26 -9.61
CA SER A 1926 14.08 36.94 -8.36
C SER A 1926 15.08 36.07 -7.58
N SER A 1927 15.81 36.70 -6.66
CA SER A 1927 16.89 36.02 -5.96
C SER A 1927 17.09 36.67 -4.60
N VAL A 1928 17.87 36.00 -3.74
CA VAL A 1928 18.26 36.56 -2.46
C VAL A 1928 19.78 36.63 -2.39
N LYS A 1929 20.28 37.75 -1.85
CA LYS A 1929 21.70 38.00 -1.71
C LYS A 1929 22.38 36.93 -0.87
N LEU A 1930 23.50 36.40 -1.38
CA LEU A 1930 24.35 35.41 -0.73
C LEU A 1930 23.67 34.06 -0.53
N VAL A 1931 24.45 33.05 -0.14
CA VAL A 1931 23.98 31.69 -0.02
C VAL A 1931 23.87 31.24 1.44
N ASN A 1932 24.84 31.60 2.29
CA ASN A 1932 24.91 30.98 3.60
C ASN A 1932 25.72 31.87 4.55
N GLY A 1933 25.66 31.52 5.83
CA GLY A 1933 26.38 32.21 6.86
C GLY A 1933 25.57 33.23 7.63
N GLU A 1934 24.43 33.67 7.09
CA GLU A 1934 23.58 34.66 7.72
C GLU A 1934 22.21 34.61 7.06
N THR A 1935 21.16 34.89 7.83
CA THR A 1935 19.80 34.85 7.29
C THR A 1935 19.54 36.03 6.36
N LYS A 1936 19.01 35.74 5.16
CA LYS A 1936 18.61 36.73 4.17
C LYS A 1936 17.23 36.34 3.64
N ASN A 1937 16.44 37.29 3.11
CA ASN A 1937 15.09 36.88 2.70
C ASN A 1937 14.42 37.84 1.73
N CYS A 1938 13.22 37.44 1.30
CA CYS A 1938 12.33 38.14 0.38
C CYS A 1938 10.89 38.08 0.90
N GLU A 1939 10.04 38.91 0.31
CA GLU A 1939 8.60 38.89 0.47
C GLU A 1939 7.97 39.16 -0.89
N ILE A 1940 6.82 38.56 -1.20
CA ILE A 1940 6.25 38.74 -2.53
C ILE A 1940 4.71 38.74 -2.51
N ASN A 1941 4.14 39.66 -3.29
CA ASN A 1941 2.70 39.75 -3.55
C ASN A 1941 2.41 39.04 -4.87
N ILE A 1942 1.69 37.93 -4.80
CA ILE A 1942 1.40 37.12 -5.97
C ILE A 1942 -0.09 36.84 -5.99
N ASN A 1943 -0.55 36.33 -7.12
CA ASN A 1943 -1.96 36.10 -7.30
C ASN A 1943 -2.20 34.74 -7.91
N ASN A 1944 -3.46 34.34 -7.89
CA ASN A 1944 -3.85 33.19 -8.67
C ASN A 1944 -3.64 33.50 -10.15
N ASN A 1945 -3.26 32.46 -10.90
CA ASN A 1945 -2.84 32.58 -12.29
C ASN A 1945 -1.42 33.11 -12.43
N GLU A 1946 -0.64 33.09 -11.35
CA GLU A 1946 0.78 33.44 -11.33
C GLU A 1946 1.57 32.27 -10.75
N VAL A 1947 2.89 32.24 -11.00
CA VAL A 1947 3.74 31.12 -10.60
C VAL A 1947 4.89 31.60 -9.73
N PHE A 1948 5.15 30.87 -8.63
CA PHE A 1948 6.08 31.30 -7.58
C PHE A 1948 6.72 30.08 -6.91
N GLY A 1949 7.75 30.29 -6.09
CA GLY A 1949 8.35 29.14 -5.39
C GLY A 1949 9.45 29.46 -4.38
N ILE A 1950 10.24 28.42 -4.06
CA ILE A 1950 11.35 28.45 -3.09
C ILE A 1950 12.46 27.50 -3.56
N ILE A 1951 13.71 28.01 -3.61
CA ILE A 1951 14.84 27.23 -4.09
C ILE A 1951 15.97 27.24 -3.06
N CYS A 1952 16.26 26.08 -2.49
CA CYS A 1952 17.41 25.92 -1.63
C CYS A 1952 18.66 25.57 -2.43
N ASP A 1953 19.82 25.85 -1.85
CA ASP A 1953 21.08 25.43 -2.45
C ASP A 1953 21.47 24.05 -1.90
N ASN A 1954 22.55 23.49 -2.42
CA ASN A 1954 22.97 22.18 -1.95
C ASN A 1954 23.31 22.21 -0.46
N GLU A 1955 23.61 23.39 0.08
CA GLU A 1955 23.95 23.58 1.48
C GLU A 1955 22.74 23.81 2.37
N THR A 1956 21.52 23.87 1.82
CA THR A 1956 20.33 24.19 2.59
C THR A 1956 19.19 23.28 2.17
N ASN A 1957 18.16 23.19 3.02
CA ASN A 1957 17.02 22.32 2.77
C ASN A 1957 15.73 23.00 3.21
N LEU A 1958 14.62 22.53 2.63
CA LEU A 1958 13.32 23.18 2.83
C LEU A 1958 12.83 23.04 4.26
N ASP A 1959 12.29 24.14 4.76
CA ASP A 1959 11.56 24.20 6.03
C ASP A 1959 10.41 25.14 5.74
N PRO A 1960 9.18 24.64 5.58
CA PRO A 1960 8.63 23.28 5.82
C PRO A 1960 9.25 22.15 4.99
N GLU A 1961 9.42 21.01 5.67
CA GLU A 1961 9.99 19.82 5.05
C GLU A 1961 9.21 19.41 3.79
N LYS A 1962 7.88 19.52 3.83
CA LYS A 1962 7.05 19.13 2.71
C LYS A 1962 6.35 20.35 2.08
N CYS A 1963 7.03 21.49 2.08
CA CYS A 1963 6.52 22.62 1.33
C CYS A 1963 6.39 22.25 -0.14
N PHE A 1964 5.23 22.57 -0.74
CA PHE A 1964 4.22 23.45 -0.19
C PHE A 1964 3.09 22.78 0.57
N HIS A 1965 3.01 21.43 0.60
CA HIS A 1965 1.91 20.80 1.33
C HIS A 1965 1.84 21.33 2.77
N GLU A 1966 3.00 21.66 3.34
CA GLU A 1966 3.07 22.43 4.57
C GLU A 1966 3.63 23.81 4.27
N ILE A 1967 3.28 24.75 5.12
CA ILE A 1967 3.56 26.17 5.01
C ILE A 1967 4.12 26.61 6.35
N TYR A 1968 4.90 27.66 6.34
CA TYR A 1968 5.39 28.23 7.57
C TYR A 1968 4.52 29.43 7.92
N SER A 1969 3.95 29.39 9.12
CA SER A 1969 3.16 30.48 9.65
C SER A 1969 4.13 31.46 10.28
N LYS A 1970 4.26 32.62 9.63
CA LYS A 1970 5.07 33.72 10.13
C LYS A 1970 4.77 33.95 11.59
N ASP A 1971 3.51 34.13 11.89
CA ASP A 1971 3.13 34.37 13.26
C ASP A 1971 3.05 33.05 14.01
N ASN A 1972 3.61 33.07 15.22
CA ASN A 1972 3.84 31.93 16.09
C ASN A 1972 4.92 31.00 15.59
N LYS A 1973 5.59 31.34 14.50
CA LYS A 1973 6.80 30.65 14.05
C LYS A 1973 6.58 29.14 13.90
N THR A 1974 5.63 28.74 13.06
CA THR A 1974 5.34 27.30 13.12
C THR A 1974 4.90 26.74 11.78
N VAL A 1975 5.16 25.45 11.55
CA VAL A 1975 4.75 24.80 10.31
C VAL A 1975 3.34 24.25 10.44
N LYS A 1976 2.49 24.59 9.46
CA LYS A 1976 1.09 24.21 9.33
C LYS A 1976 0.87 23.64 7.93
N LYS A 1977 -0.36 23.24 7.61
CA LYS A 1977 -0.65 22.71 6.28
C LYS A 1977 -1.11 23.82 5.34
N PHE A 1978 -0.81 23.64 4.04
CA PHE A 1978 -1.36 24.43 2.93
C PHE A 1978 -2.78 24.00 2.62
N ARG A 1979 -3.42 23.38 3.61
CA ARG A 1979 -4.79 22.89 3.58
C ARG A 1979 -5.57 23.24 4.85
N GLU A 1980 -5.00 24.06 5.75
CA GLU A 1980 -5.64 24.33 7.04
C GLU A 1980 -6.97 25.02 6.86
N VAL A 1981 -7.00 26.02 5.99
CA VAL A 1981 -8.19 26.81 5.72
C VAL A 1981 -8.64 26.69 4.28
N ILE A 1982 -7.83 26.04 3.44
CA ILE A 1982 -8.00 25.89 2.00
C ILE A 1982 -7.70 24.43 1.62
N PRO A 1983 -8.46 23.47 2.15
CA PRO A 1983 -8.22 22.06 1.77
C PRO A 1983 -8.57 21.75 0.33
N ASN A 1984 -9.44 22.54 -0.29
CA ASN A 1984 -9.85 22.34 -1.69
C ASN A 1984 -8.81 22.99 -2.60
N ILE A 1985 -7.64 22.36 -2.69
CA ILE A 1985 -6.48 23.09 -3.21
C ILE A 1985 -5.58 22.17 -4.05
N ASP A 1986 -5.11 22.73 -5.18
CA ASP A 1986 -4.02 22.19 -5.97
C ASP A 1986 -2.69 22.53 -5.28
N ILE A 1987 -1.97 21.51 -4.84
CA ILE A 1987 -0.68 21.71 -4.18
C ILE A 1987 0.39 20.97 -4.95
N PHE A 1988 1.43 21.70 -5.32
CA PHE A 1988 2.38 21.27 -6.34
C PHE A 1988 3.66 20.70 -5.68
N SER A 1989 3.48 19.63 -4.91
CA SER A 1989 4.63 19.02 -4.23
C SER A 1989 4.36 17.57 -3.85
N LEU A 1990 5.36 16.95 -3.18
CA LEU A 1990 5.39 15.51 -2.92
C LEU A 1990 6.12 15.22 -1.61
N HIS A 1991 5.40 14.68 -0.62
CA HIS A 1991 5.97 14.45 0.71
C HIS A 1991 7.07 13.40 0.69
N ASN A 1992 6.96 12.39 -0.16
CA ASN A 1992 7.94 11.30 -0.14
C ASN A 1992 9.03 11.50 -1.19
N SER A 1993 9.35 12.75 -1.50
CA SER A 1993 10.37 13.02 -2.48
C SER A 1993 11.74 12.56 -2.01
N ASN A 1994 12.60 12.28 -2.99
CA ASN A 1994 14.00 11.92 -2.76
C ASN A 1994 14.83 13.12 -2.32
N LYS A 1995 14.44 14.33 -2.72
CA LYS A 1995 15.12 15.55 -2.34
C LYS A 1995 14.09 16.56 -1.84
N LYS A 1996 14.45 17.30 -0.80
CA LYS A 1996 13.61 18.28 -0.14
C LYS A 1996 14.26 19.64 -0.14
N LYS A 1997 14.82 20.03 -1.28
CA LYS A 1997 15.49 21.31 -1.42
C LYS A 1997 14.71 22.32 -2.24
N VAL A 1998 13.85 21.90 -3.16
CA VAL A 1998 13.23 22.86 -4.07
C VAL A 1998 11.74 22.56 -4.20
N ALA A 1999 10.92 23.62 -4.15
CA ALA A 1999 9.49 23.47 -4.38
C ALA A 1999 8.96 24.73 -5.05
N TYR A 2000 8.02 24.57 -5.98
CA TYR A 2000 7.36 25.70 -6.60
C TYR A 2000 5.87 25.41 -6.74
N ALA A 2001 5.11 26.43 -7.14
CA ALA A 2001 3.66 26.31 -7.30
C ALA A 2001 3.17 27.14 -8.49
N LYS A 2002 2.38 26.48 -9.36
CA LYS A 2002 1.73 27.07 -10.53
C LYS A 2002 0.22 27.14 -10.28
N VAL A 2003 -0.28 28.33 -9.99
CA VAL A 2003 -1.65 28.50 -9.49
C VAL A 2003 -2.56 28.87 -10.64
N PRO A 2004 -3.55 28.04 -10.98
CA PRO A 2004 -4.44 28.33 -12.11
C PRO A 2004 -5.47 29.42 -11.80
N LEU A 2005 -6.03 30.00 -12.86
CA LEU A 2005 -7.00 31.06 -12.70
C LEU A 2005 -8.27 30.59 -11.98
N ASP A 2006 -8.65 29.31 -12.14
CA ASP A 2006 -9.84 28.75 -11.51
C ASP A 2006 -9.59 28.32 -10.06
N TYR A 2007 -8.38 28.55 -9.55
CA TYR A 2007 -8.03 28.27 -8.16
C TYR A 2007 -8.81 29.20 -7.22
N ILE A 2008 -9.38 28.62 -6.16
CA ILE A 2008 -10.34 29.33 -5.31
C ILE A 2008 -9.73 29.74 -3.97
N ASN A 2009 -8.42 29.65 -3.82
CA ASN A 2009 -7.82 29.74 -2.49
C ASN A 2009 -7.07 31.03 -2.29
N LYS A 2010 -6.73 31.29 -1.02
CA LYS A 2010 -6.04 32.51 -0.61
C LYS A 2010 -5.26 32.21 0.67
N LEU A 2011 -4.01 32.67 0.78
CA LEU A 2011 -3.27 32.39 2.02
C LEU A 2011 -2.01 33.24 2.14
N LEU A 2012 -1.78 33.74 3.36
CA LEU A 2012 -0.55 34.46 3.73
C LEU A 2012 0.35 33.50 4.51
N PHE A 2013 1.48 33.11 3.92
CA PHE A 2013 2.34 32.06 4.50
C PHE A 2013 3.76 32.19 3.95
N SER A 2014 4.69 31.39 4.45
CA SER A 2014 6.08 31.46 3.99
C SER A 2014 6.67 30.07 3.75
N CYS A 2015 7.73 30.02 2.93
CA CYS A 2015 8.57 28.82 2.86
C CYS A 2015 10.04 29.22 2.92
N SER A 2016 10.88 28.41 3.56
CA SER A 2016 12.25 28.79 3.89
C SER A 2016 13.24 27.67 3.57
N CYS A 2017 14.52 28.03 3.65
CA CYS A 2017 15.65 27.13 3.45
C CYS A 2017 16.61 27.28 4.63
N LYS A 2018 17.01 26.16 5.23
CA LYS A 2018 17.90 26.18 6.37
C LYS A 2018 19.13 25.32 6.12
N THR A 2019 20.26 25.73 6.70
CA THR A 2019 21.51 25.03 6.48
C THR A 2019 21.78 23.98 7.56
N SER A 2020 22.94 23.33 7.45
CA SER A 2020 23.33 22.26 8.35
C SER A 2020 23.52 22.73 9.78
N HIS A 2021 23.79 24.02 9.97
CA HIS A 2021 23.86 24.63 11.30
C HIS A 2021 22.49 24.84 11.94
N THR A 2022 21.43 24.89 11.13
CA THR A 2022 20.02 25.01 11.48
C THR A 2022 19.66 26.40 11.99
N ASN A 2023 20.68 27.22 12.33
CA ASN A 2023 20.44 28.51 12.98
C ASN A 2023 20.21 29.61 11.94
N THR A 2024 19.13 29.47 11.18
CA THR A 2024 18.81 30.44 10.13
C THR A 2024 17.34 30.31 9.77
N ILE A 2025 16.78 31.38 9.21
CA ILE A 2025 15.42 31.34 8.68
C ILE A 2025 15.35 31.91 7.27
N GLY A 2026 16.45 31.83 6.51
CA GLY A 2026 16.44 32.37 5.14
C GLY A 2026 15.19 31.98 4.37
N THR A 2027 14.42 32.92 3.84
CA THR A 2027 13.06 32.58 3.41
C THR A 2027 12.51 33.52 2.35
N MET A 2028 11.33 33.15 1.82
CA MET A 2028 10.48 34.07 1.08
C MET A 2028 9.05 33.97 1.60
N LYS A 2029 8.47 35.14 1.91
CA LYS A 2029 7.09 35.25 2.33
C LYS A 2029 6.19 35.28 1.10
N VAL A 2030 5.21 34.39 1.08
CA VAL A 2030 4.28 34.20 -0.02
C VAL A 2030 2.92 34.72 0.42
N THR A 2031 2.46 35.80 -0.23
CA THR A 2031 1.11 36.31 0.02
C THR A 2031 0.29 36.02 -1.23
N LEU A 2032 -0.38 34.87 -1.23
CA LEU A 2032 -1.02 34.38 -2.42
C LEU A 2032 -2.46 34.86 -2.47
N ASN A 2033 -2.76 35.64 -3.51
CA ASN A 2033 -4.08 36.23 -3.70
C ASN A 2033 -4.38 37.15 -2.51
N LYS A 2034 -3.34 37.87 -2.07
CA LYS A 2034 -3.36 38.76 -0.91
C LYS A 2034 -4.53 39.73 -0.89
N GLN B 1 -6.36 1.12 21.14
CA GLN B 1 -7.67 1.68 20.86
C GLN B 1 -8.42 0.91 19.78
N VAL B 2 -7.75 -0.04 19.13
CA VAL B 2 -8.44 -0.95 18.23
C VAL B 2 -9.29 -1.89 19.08
N GLN B 3 -10.59 -1.92 18.82
CA GLN B 3 -11.52 -2.72 19.59
C GLN B 3 -12.48 -3.46 18.67
N LEU B 4 -12.73 -4.73 18.98
CA LEU B 4 -13.77 -5.53 18.33
C LEU B 4 -14.71 -6.03 19.40
N GLN B 5 -15.97 -5.59 19.35
CA GLN B 5 -16.98 -5.94 20.33
C GLN B 5 -18.02 -6.85 19.70
N GLN B 6 -18.13 -8.07 20.19
CA GLN B 6 -19.04 -9.05 19.63
C GLN B 6 -20.35 -9.12 20.43
N SER B 7 -21.39 -9.62 19.77
CA SER B 7 -22.71 -9.71 20.35
C SER B 7 -22.78 -10.85 21.37
N GLY B 8 -23.92 -10.92 22.07
CA GLY B 8 -24.06 -11.87 23.17
C GLY B 8 -24.39 -13.28 22.71
N ALA B 9 -24.28 -14.20 23.68
CA ALA B 9 -24.50 -15.62 23.43
C ALA B 9 -25.88 -15.88 22.86
N GLU B 10 -25.96 -16.87 21.99
CA GLU B 10 -27.18 -17.24 21.31
C GLU B 10 -27.53 -18.69 21.64
N LEU B 11 -28.80 -18.92 21.93
CA LEU B 11 -29.38 -20.26 21.97
C LEU B 11 -30.41 -20.33 20.86
N ALA B 12 -30.25 -21.32 19.98
CA ALA B 12 -31.09 -21.39 18.80
C ALA B 12 -31.55 -22.82 18.56
N ARG B 13 -32.77 -22.95 18.08
CA ARG B 13 -33.29 -24.27 17.78
C ARG B 13 -32.76 -24.77 16.44
N PRO B 14 -32.65 -26.08 16.27
CA PRO B 14 -32.16 -26.64 15.02
C PRO B 14 -33.05 -26.22 13.86
N GLY B 15 -32.40 -25.90 12.74
CA GLY B 15 -33.09 -25.40 11.57
C GLY B 15 -33.28 -23.90 11.52
N ALA B 16 -33.13 -23.22 12.65
CA ALA B 16 -33.32 -21.77 12.67
C ALA B 16 -32.05 -21.06 12.21
N SER B 17 -32.09 -19.73 12.23
CA SER B 17 -30.96 -18.91 11.84
C SER B 17 -30.61 -17.95 12.97
N VAL B 18 -29.37 -17.48 12.94
CA VAL B 18 -28.88 -16.48 13.89
C VAL B 18 -27.94 -15.54 13.14
N LYS B 19 -27.87 -14.30 13.62
CA LYS B 19 -27.02 -13.29 13.00
C LYS B 19 -26.16 -12.65 14.08
N LEU B 20 -24.86 -12.85 13.97
CA LEU B 20 -23.86 -12.37 14.92
C LEU B 20 -23.23 -11.10 14.40
N SER B 21 -22.83 -10.23 15.33
CA SER B 21 -22.26 -8.95 14.98
C SER B 21 -20.91 -8.75 15.64
N CYS B 22 -20.09 -7.92 15.00
CA CYS B 22 -18.74 -7.61 15.47
C CYS B 22 -18.50 -6.14 15.13
N LYS B 23 -18.57 -5.29 16.15
CA LYS B 23 -18.44 -3.85 15.98
C LYS B 23 -16.97 -3.47 16.15
N ALA B 24 -16.40 -2.90 15.10
CA ALA B 24 -15.01 -2.49 15.09
C ALA B 24 -14.90 -1.00 15.38
N SER B 25 -13.85 -0.62 16.09
CA SER B 25 -13.57 0.78 16.35
C SER B 25 -12.07 0.97 16.49
N GLY B 26 -11.62 2.19 16.26
CA GLY B 26 -10.22 2.55 16.44
C GLY B 26 -9.33 2.38 15.23
N TYR B 27 -9.89 2.13 14.05
CA TYR B 27 -9.09 1.99 12.85
C TYR B 27 -10.00 2.16 11.63
N THR B 28 -9.37 2.30 10.46
CA THR B 28 -10.11 2.45 9.21
C THR B 28 -10.66 1.10 8.79
N PHE B 29 -11.96 0.91 9.02
CA PHE B 29 -12.64 -0.37 8.80
C PHE B 29 -12.41 -0.92 7.39
N THR B 30 -12.38 -0.03 6.39
CA THR B 30 -12.31 -0.45 5.00
C THR B 30 -10.89 -0.72 4.52
N ASN B 31 -9.87 -0.64 5.38
CA ASN B 31 -8.53 -1.01 4.98
C ASN B 31 -8.15 -2.41 5.43
N TYR B 32 -9.09 -3.19 5.95
CA TYR B 32 -8.72 -4.47 6.54
C TYR B 32 -9.75 -5.54 6.22
N TRP B 33 -9.29 -6.78 6.30
CA TRP B 33 -10.17 -7.93 6.40
C TRP B 33 -10.79 -8.00 7.78
N MET B 34 -12.07 -8.38 7.81
CA MET B 34 -12.71 -8.91 9.01
C MET B 34 -13.04 -10.37 8.73
N GLN B 35 -12.45 -11.28 9.52
CA GLN B 35 -12.69 -12.70 9.33
C GLN B 35 -13.30 -13.29 10.59
N TRP B 36 -13.81 -14.50 10.44
CA TRP B 36 -14.46 -15.24 11.50
C TRP B 36 -13.75 -16.57 11.67
N VAL B 37 -13.62 -16.98 12.92
CA VAL B 37 -12.91 -18.18 13.32
C VAL B 37 -13.83 -18.97 14.24
N LYS B 38 -14.04 -20.24 13.91
CA LYS B 38 -14.99 -21.09 14.64
C LYS B 38 -14.21 -22.05 15.53
N GLN B 39 -14.69 -22.23 16.76
CA GLN B 39 -14.06 -23.14 17.71
C GLN B 39 -15.16 -23.92 18.41
N ARG B 40 -15.36 -25.17 17.99
CA ARG B 40 -16.31 -26.04 18.64
C ARG B 40 -15.80 -26.40 20.03
N PRO B 41 -16.70 -26.75 20.95
CA PRO B 41 -16.29 -26.99 22.34
C PRO B 41 -15.19 -28.03 22.42
N GLY B 42 -14.08 -27.64 23.06
CA GLY B 42 -12.96 -28.52 23.27
C GLY B 42 -12.04 -28.71 22.08
N GLN B 43 -12.31 -28.05 20.95
CA GLN B 43 -11.61 -28.34 19.71
C GLN B 43 -10.73 -27.16 19.29
N GLY B 44 -10.11 -27.30 18.11
CA GLY B 44 -9.19 -26.31 17.60
C GLY B 44 -9.86 -25.19 16.84
N LEU B 45 -9.04 -24.29 16.34
CA LEU B 45 -9.51 -23.16 15.56
C LEU B 45 -9.74 -23.55 14.11
N GLU B 46 -10.87 -23.09 13.56
CA GLU B 46 -11.20 -23.28 12.15
C GLU B 46 -11.43 -21.91 11.52
N TRP B 47 -10.69 -21.60 10.46
CA TRP B 47 -10.95 -20.38 9.72
C TRP B 47 -12.24 -20.51 8.94
N PHE B 48 -13.17 -19.60 9.19
CA PHE B 48 -14.54 -19.71 8.70
C PHE B 48 -14.71 -18.97 7.38
N GLY B 49 -14.51 -17.66 7.39
CA GLY B 49 -14.64 -16.85 6.20
C GLY B 49 -14.29 -15.42 6.53
N ALA B 50 -14.27 -14.58 5.50
CA ALA B 50 -13.90 -13.19 5.69
C ALA B 50 -14.63 -12.33 4.70
N ILE B 51 -14.78 -11.05 5.07
CA ILE B 51 -15.24 -10.01 4.18
C ILE B 51 -14.22 -8.89 4.19
N TYR B 52 -14.00 -8.30 3.02
CA TYR B 52 -13.23 -7.08 2.88
C TYR B 52 -14.22 -5.95 2.61
N PRO B 53 -14.65 -5.21 3.64
CA PRO B 53 -15.74 -4.25 3.44
C PRO B 53 -15.41 -3.18 2.42
N GLY B 54 -14.12 -2.89 2.21
CA GLY B 54 -13.75 -1.83 1.26
C GLY B 54 -14.30 -2.08 -0.13
N ASP B 55 -14.33 -3.33 -0.57
CA ASP B 55 -14.88 -3.64 -1.89
C ASP B 55 -15.97 -4.71 -1.84
N GLY B 56 -16.31 -5.23 -0.66
CA GLY B 56 -17.37 -6.20 -0.52
C GLY B 56 -16.98 -7.64 -0.80
N ASP B 57 -15.74 -7.91 -1.17
CA ASP B 57 -15.34 -9.27 -1.50
C ASP B 57 -15.44 -10.18 -0.29
N THR B 58 -15.99 -11.37 -0.49
CA THR B 58 -16.06 -12.35 0.58
C THR B 58 -15.28 -13.59 0.18
N ARG B 59 -14.80 -14.32 1.18
CA ARG B 59 -14.09 -15.57 0.97
C ARG B 59 -14.49 -16.55 2.06
N TYR B 60 -14.94 -17.73 1.67
CA TYR B 60 -15.38 -18.74 2.62
C TYR B 60 -14.54 -20.00 2.48
N THR B 61 -14.21 -20.63 3.61
CA THR B 61 -13.83 -22.03 3.56
C THR B 61 -14.99 -22.82 2.97
N GLN B 62 -14.68 -23.74 2.06
CA GLN B 62 -15.73 -24.36 1.25
C GLN B 62 -16.81 -25.00 2.10
N LYS B 63 -16.43 -25.65 3.19
CA LYS B 63 -17.41 -26.36 4.01
C LYS B 63 -18.45 -25.43 4.62
N PHE B 64 -18.14 -24.14 4.74
CA PHE B 64 -19.06 -23.19 5.37
C PHE B 64 -19.82 -22.33 4.39
N LYS B 65 -19.54 -22.45 3.09
CA LYS B 65 -20.20 -21.60 2.10
C LYS B 65 -21.70 -21.82 2.09
N GLY B 66 -22.14 -23.06 2.28
CA GLY B 66 -23.55 -23.38 2.09
C GLY B 66 -24.47 -22.61 3.04
N LYS B 67 -24.10 -22.56 4.32
CA LYS B 67 -25.04 -22.12 5.35
C LYS B 67 -24.76 -20.73 5.93
N ALA B 68 -23.62 -20.13 5.62
CA ALA B 68 -23.24 -18.88 6.24
C ALA B 68 -23.22 -17.74 5.23
N THR B 69 -23.50 -16.54 5.73
CA THR B 69 -23.42 -15.32 4.92
C THR B 69 -22.73 -14.24 5.72
N LEU B 70 -21.69 -13.66 5.13
CA LEU B 70 -20.91 -12.59 5.77
C LEU B 70 -21.28 -11.26 5.13
N THR B 71 -21.55 -10.27 5.96
CA THR B 71 -21.88 -8.93 5.47
C THR B 71 -21.15 -7.90 6.31
N ALA B 72 -21.19 -6.65 5.87
CA ALA B 72 -20.58 -5.56 6.61
C ALA B 72 -21.35 -4.28 6.33
N ASP B 73 -21.44 -3.44 7.35
CA ASP B 73 -22.02 -2.11 7.27
C ASP B 73 -20.88 -1.12 7.48
N LYS B 74 -20.50 -0.45 6.38
CA LYS B 74 -19.39 0.48 6.42
C LYS B 74 -19.71 1.67 7.31
N SER B 75 -20.94 2.16 7.26
CA SER B 75 -21.27 3.37 8.01
C SER B 75 -21.13 3.17 9.51
N SER B 76 -21.37 1.96 10.00
CA SER B 76 -21.28 1.66 11.42
C SER B 76 -20.05 0.83 11.78
N SER B 77 -19.18 0.52 10.82
CA SER B 77 -17.98 -0.26 11.07
C SER B 77 -18.32 -1.59 11.73
N THR B 78 -19.37 -2.23 11.24
CA THR B 78 -19.84 -3.48 11.87
C THR B 78 -19.83 -4.61 10.86
N ALA B 79 -19.27 -5.75 11.24
CA ALA B 79 -19.34 -6.95 10.42
C ALA B 79 -20.35 -7.93 11.01
N TYR B 80 -21.03 -8.65 10.14
CA TYR B 80 -22.05 -9.60 10.56
C TYR B 80 -21.77 -10.97 9.96
N MET B 81 -22.08 -12.00 10.73
CA MET B 81 -22.01 -13.38 10.29
C MET B 81 -23.35 -14.04 10.57
N GLN B 82 -24.03 -14.50 9.52
CA GLN B 82 -25.34 -15.12 9.65
C GLN B 82 -25.21 -16.60 9.38
N LEU B 83 -25.65 -17.41 10.34
CA LEU B 83 -25.67 -18.86 10.21
C LEU B 83 -27.12 -19.30 10.02
N SER B 84 -27.35 -20.13 9.00
CA SER B 84 -28.68 -20.60 8.69
C SER B 84 -28.74 -22.11 8.81
N SER B 85 -29.96 -22.64 8.93
CA SER B 85 -30.23 -24.07 9.04
C SER B 85 -29.35 -24.71 10.12
N LEU B 86 -29.41 -24.12 11.32
CA LEU B 86 -28.49 -24.50 12.38
C LEU B 86 -28.60 -25.97 12.72
N ALA B 87 -27.44 -26.59 12.95
CA ALA B 87 -27.33 -27.98 13.36
C ALA B 87 -26.39 -28.05 14.56
N SER B 88 -26.34 -29.22 15.20
CA SER B 88 -25.52 -29.34 16.40
C SER B 88 -24.05 -29.07 16.10
N GLU B 89 -23.59 -29.40 14.90
CA GLU B 89 -22.21 -29.13 14.52
C GLU B 89 -21.90 -27.65 14.45
N ASP B 90 -22.92 -26.80 14.41
CA ASP B 90 -22.71 -25.36 14.41
C ASP B 90 -22.55 -24.77 15.80
N SER B 91 -22.80 -25.55 16.86
CA SER B 91 -22.57 -25.08 18.21
C SER B 91 -21.08 -24.84 18.41
N ALA B 92 -20.71 -23.61 18.77
CA ALA B 92 -19.30 -23.25 18.85
C ALA B 92 -19.17 -21.81 19.32
N VAL B 93 -17.94 -21.42 19.61
CA VAL B 93 -17.60 -20.01 19.77
C VAL B 93 -17.13 -19.49 18.43
N TYR B 94 -17.65 -18.34 18.03
CA TYR B 94 -17.23 -17.69 16.80
C TYR B 94 -16.55 -16.38 17.17
N TYR B 95 -15.28 -16.24 16.78
CA TYR B 95 -14.52 -15.03 16.97
C TYR B 95 -14.46 -14.26 15.66
N CYS B 96 -14.57 -12.95 15.74
CA CYS B 96 -14.16 -12.10 14.64
C CYS B 96 -12.74 -11.62 14.91
N ALA B 97 -12.01 -11.39 13.83
CA ALA B 97 -10.62 -11.01 13.94
C ALA B 97 -10.21 -10.13 12.77
N ARG B 98 -9.48 -9.08 13.09
CA ARG B 98 -8.96 -8.16 12.09
C ARG B 98 -7.65 -8.69 11.54
N SER B 99 -7.48 -8.55 10.23
CA SER B 99 -6.14 -8.70 9.70
C SER B 99 -6.06 -7.84 8.46
N LEU B 100 -4.83 -7.51 8.06
CA LEU B 100 -4.64 -7.13 6.67
C LEU B 100 -5.17 -8.27 5.80
N TYR B 101 -5.60 -7.93 4.59
CA TYR B 101 -6.13 -8.96 3.70
C TYR B 101 -5.13 -10.11 3.61
N LEU B 102 -5.62 -11.33 3.83
CA LEU B 102 -4.80 -12.54 3.81
C LEU B 102 -3.52 -12.36 4.62
N GLY B 103 -3.65 -12.19 5.94
CA GLY B 103 -2.51 -11.91 6.78
C GLY B 103 -2.72 -12.36 8.19
N ALA B 104 -1.86 -11.87 9.09
CA ALA B 104 -1.89 -12.27 10.49
C ALA B 104 -3.01 -11.54 11.22
N MET B 105 -3.72 -12.25 12.09
CA MET B 105 -4.87 -11.72 12.81
C MET B 105 -4.38 -11.04 14.08
N ASP B 106 -4.28 -9.71 14.06
CA ASP B 106 -3.66 -9.01 15.18
C ASP B 106 -4.63 -8.62 16.29
N TYR B 107 -5.89 -8.36 15.97
CA TYR B 107 -6.89 -8.01 16.98
C TYR B 107 -8.08 -8.94 16.88
N TRP B 108 -8.56 -9.40 18.02
CA TRP B 108 -9.63 -10.38 18.08
C TRP B 108 -10.77 -9.86 18.94
N GLY B 109 -11.99 -10.24 18.58
CA GLY B 109 -13.12 -10.06 19.46
C GLY B 109 -13.10 -11.08 20.58
N GLN B 110 -14.01 -10.90 21.53
CA GLN B 110 -14.07 -11.77 22.69
C GLN B 110 -14.80 -13.09 22.41
N GLY B 111 -15.43 -13.22 21.24
CA GLY B 111 -16.14 -14.44 20.88
C GLY B 111 -17.61 -14.41 21.20
N THR B 112 -18.43 -15.05 20.37
CA THR B 112 -19.84 -15.26 20.64
C THR B 112 -20.13 -16.75 20.61
N SER B 113 -20.74 -17.26 21.67
CA SER B 113 -21.10 -18.66 21.75
C SER B 113 -22.48 -18.87 21.14
N VAL B 114 -22.58 -19.85 20.26
CA VAL B 114 -23.84 -20.30 19.68
C VAL B 114 -24.08 -21.73 20.15
N THR B 115 -25.24 -21.95 20.75
CA THR B 115 -25.67 -23.27 21.19
C THR B 115 -26.92 -23.65 20.43
N VAL B 116 -26.84 -24.76 19.70
CA VAL B 116 -27.96 -25.27 18.91
C VAL B 116 -28.61 -26.40 19.68
N SER B 117 -29.87 -26.22 20.06
CA SER B 117 -30.55 -27.21 20.87
C SER B 117 -32.04 -26.94 20.87
N SER B 118 -32.82 -28.02 20.92
CA SER B 118 -34.28 -27.94 21.02
C SER B 118 -34.72 -27.92 22.48
N ASP C 1 -6.92 -26.75 -0.40
CA ASP C 1 -6.46 -25.91 0.68
C ASP C 1 -5.17 -26.44 1.29
N ILE C 2 -4.36 -25.55 1.85
CA ILE C 2 -3.08 -25.93 2.42
C ILE C 2 -3.30 -26.51 3.81
N VAL C 3 -2.72 -27.67 4.06
CA VAL C 3 -2.82 -28.33 5.36
C VAL C 3 -1.61 -27.93 6.21
N MET C 4 -1.88 -27.47 7.42
CA MET C 4 -0.83 -27.16 8.39
C MET C 4 -0.88 -28.22 9.49
N THR C 5 0.20 -28.98 9.61
CA THR C 5 0.25 -30.12 10.52
C THR C 5 1.13 -29.79 11.71
N GLN C 6 0.52 -29.78 12.90
CA GLN C 6 1.24 -29.77 14.17
C GLN C 6 1.16 -31.20 14.70
N SER C 7 2.26 -31.94 14.56
CA SER C 7 2.20 -33.38 14.79
C SER C 7 1.98 -33.74 16.25
N HIS C 8 2.29 -32.83 17.18
CA HIS C 8 2.14 -33.10 18.60
C HIS C 8 0.95 -32.32 19.14
N LYS C 9 -0.07 -33.03 19.61
CA LYS C 9 -1.20 -32.37 20.26
C LYS C 9 -0.83 -31.87 21.65
N PHE C 10 0.19 -32.44 22.27
CA PHE C 10 0.57 -32.10 23.63
C PHE C 10 2.08 -32.07 23.77
N MET C 11 2.53 -31.23 24.72
CA MET C 11 3.95 -30.91 24.91
C MET C 11 4.16 -30.58 26.38
N SER C 12 5.11 -31.23 27.04
CA SER C 12 5.37 -30.95 28.45
C SER C 12 6.76 -30.36 28.63
N THR C 13 6.86 -29.44 29.58
CA THR C 13 8.10 -28.71 29.83
C THR C 13 8.05 -28.15 31.25
N SER C 14 9.22 -27.97 31.83
CA SER C 14 9.32 -27.38 33.16
C SER C 14 9.53 -25.88 33.07
N VAL C 15 9.14 -25.17 34.13
CA VAL C 15 9.46 -23.75 34.23
C VAL C 15 10.96 -23.57 34.12
N GLY C 16 11.38 -22.68 33.21
CA GLY C 16 12.79 -22.43 32.97
C GLY C 16 13.40 -23.20 31.82
N ASP C 17 12.68 -24.18 31.25
CA ASP C 17 13.21 -24.93 30.12
C ASP C 17 12.96 -24.21 28.80
N ARG C 18 13.71 -24.62 27.79
CA ARG C 18 13.41 -24.28 26.41
C ARG C 18 12.51 -25.35 25.80
N VAL C 19 11.53 -24.90 25.01
CA VAL C 19 10.60 -25.81 24.35
C VAL C 19 10.36 -25.32 22.92
N SER C 20 10.26 -26.27 21.98
CA SER C 20 9.96 -25.94 20.60
C SER C 20 8.77 -26.75 20.11
N ILE C 21 7.90 -26.09 19.33
CA ILE C 21 6.70 -26.67 18.76
C ILE C 21 6.80 -26.57 17.24
N THR C 22 6.52 -27.68 16.55
CA THR C 22 6.71 -27.74 15.12
C THR C 22 5.38 -27.60 14.38
N CYS C 23 5.47 -27.06 13.17
CA CYS C 23 4.32 -26.93 12.27
C CYS C 23 4.80 -27.09 10.84
N LYS C 24 4.18 -28.00 10.10
CA LYS C 24 4.61 -28.31 8.74
C LYS C 24 3.49 -28.02 7.76
N ALA C 25 3.81 -27.29 6.70
CA ALA C 25 2.85 -26.97 5.65
C ALA C 25 2.90 -28.01 4.54
N SER C 26 1.74 -28.33 3.99
CA SER C 26 1.63 -29.32 2.93
C SER C 26 2.22 -28.84 1.61
N GLN C 27 2.47 -27.54 1.48
CA GLN C 27 3.19 -27.00 0.34
C GLN C 27 3.92 -25.76 0.82
N ASP C 28 4.81 -25.26 -0.03
CA ASP C 28 5.61 -24.10 0.35
C ASP C 28 4.71 -22.88 0.57
N VAL C 29 4.89 -22.23 1.71
CA VAL C 29 4.15 -21.03 2.07
C VAL C 29 5.10 -19.85 2.28
N THR C 30 6.35 -19.99 1.85
CA THR C 30 7.41 -19.04 2.14
C THR C 30 7.43 -18.67 3.63
N ASN C 31 7.29 -17.38 3.94
CA ASN C 31 7.30 -16.92 5.33
C ASN C 31 5.92 -16.51 5.81
N ASP C 32 4.86 -16.92 5.12
CA ASP C 32 3.51 -16.42 5.42
C ASP C 32 2.83 -17.27 6.50
N VAL C 33 3.43 -17.27 7.69
CA VAL C 33 2.96 -18.07 8.82
C VAL C 33 2.86 -17.20 10.05
N ALA C 34 1.76 -17.35 10.78
CA ALA C 34 1.57 -16.68 12.07
C ALA C 34 1.39 -17.73 13.16
N TRP C 35 1.79 -17.37 14.38
CA TRP C 35 1.61 -18.21 15.55
C TRP C 35 0.79 -17.46 16.58
N TYR C 36 -0.17 -18.19 17.17
CA TYR C 36 -1.12 -17.71 18.16
C TYR C 36 -1.06 -18.55 19.44
N GLN C 37 -1.37 -17.88 20.55
CA GLN C 37 -1.45 -18.47 21.87
C GLN C 37 -2.87 -18.29 22.37
N GLN C 38 -3.51 -19.37 22.81
CA GLN C 38 -4.84 -19.28 23.37
C GLN C 38 -4.85 -19.96 24.73
N LYS C 39 -5.14 -19.19 25.74
CA LYS C 39 -5.31 -19.64 27.11
C LYS C 39 -6.78 -19.90 27.40
N PRO C 40 -7.08 -20.71 28.41
CA PRO C 40 -8.48 -21.11 28.64
C PRO C 40 -9.41 -19.92 28.84
N GLY C 41 -10.53 -19.95 28.13
CA GLY C 41 -11.54 -18.92 28.25
C GLY C 41 -11.20 -17.60 27.58
N GLN C 42 -10.09 -17.53 26.84
CA GLN C 42 -9.65 -16.31 26.21
C GLN C 42 -9.61 -16.49 24.69
N SER C 43 -9.66 -15.35 24.00
CA SER C 43 -9.44 -15.33 22.56
C SER C 43 -7.97 -15.62 22.27
N PRO C 44 -7.67 -16.17 21.10
CA PRO C 44 -6.26 -16.33 20.71
C PRO C 44 -5.55 -14.99 20.62
N LYS C 45 -4.26 -15.00 20.94
CA LYS C 45 -3.41 -13.83 20.86
C LYS C 45 -2.31 -14.06 19.83
N LEU C 46 -2.07 -13.06 18.99
CA LEU C 46 -0.99 -13.16 18.02
C LEU C 46 0.36 -12.98 18.70
N LEU C 47 1.27 -13.92 18.48
CA LEU C 47 2.61 -13.86 19.05
C LEU C 47 3.66 -13.64 17.98
N ILE C 48 3.59 -14.38 16.88
CA ILE C 48 4.62 -14.30 15.85
C ILE C 48 3.94 -14.07 14.51
N TYR C 49 4.51 -13.18 13.70
CA TYR C 49 4.01 -12.98 12.35
C TYR C 49 5.16 -13.11 11.35
N SER C 50 4.79 -13.41 10.11
CA SER C 50 5.74 -13.58 9.00
C SER C 50 6.87 -14.54 9.41
N ALA C 51 6.48 -15.60 10.10
CA ALA C 51 7.27 -16.76 10.50
C ALA C 51 8.31 -16.51 11.58
N SER C 52 8.81 -15.28 11.72
CA SER C 52 9.94 -15.09 12.61
C SER C 52 9.98 -13.73 13.28
N TYR C 53 8.95 -12.92 13.15
CA TYR C 53 8.93 -11.60 13.77
C TYR C 53 8.03 -11.62 15.00
N ARG C 54 8.54 -11.10 16.11
CA ARG C 54 7.71 -10.97 17.30
C ARG C 54 6.70 -9.85 17.11
N TYR C 55 5.43 -10.15 17.37
CA TYR C 55 4.40 -9.13 17.29
C TYR C 55 4.57 -8.12 18.41
N THR C 56 3.99 -6.94 18.20
CA THR C 56 4.05 -5.83 19.15
C THR C 56 3.72 -6.27 20.57
N GLY C 57 4.61 -5.97 21.51
CA GLY C 57 4.39 -6.23 22.90
C GLY C 57 4.59 -7.66 23.35
N VAL C 58 5.02 -8.55 22.45
CA VAL C 58 5.21 -9.96 22.80
C VAL C 58 6.51 -10.10 23.57
N PRO C 59 6.50 -10.83 24.70
CA PRO C 59 7.73 -10.98 25.49
C PRO C 59 8.85 -11.63 24.69
N ASP C 60 10.08 -11.35 25.11
CA ASP C 60 11.26 -11.75 24.34
C ASP C 60 11.48 -13.25 24.33
N ARG C 61 10.89 -14.00 25.28
CA ARG C 61 11.12 -15.44 25.30
C ARG C 61 10.45 -16.17 24.16
N PHE C 62 9.54 -15.52 23.44
CA PHE C 62 8.83 -16.14 22.33
C PHE C 62 9.52 -15.79 21.02
N THR C 63 9.84 -16.82 20.23
CA THR C 63 10.38 -16.60 18.90
C THR C 63 9.79 -17.62 17.93
N GLY C 64 9.97 -17.35 16.65
CA GLY C 64 9.61 -18.30 15.62
C GLY C 64 10.67 -18.31 14.53
N SER C 65 10.73 -19.43 13.80
CA SER C 65 11.73 -19.62 12.78
C SER C 65 11.14 -20.49 11.67
N GLY C 66 11.79 -20.44 10.52
CA GLY C 66 11.41 -21.32 9.43
C GLY C 66 10.93 -20.58 8.19
N SER C 67 10.99 -21.26 7.05
CA SER C 67 10.57 -20.68 5.79
C SER C 67 10.42 -21.77 4.72
N GLY C 68 9.29 -21.79 4.04
CA GLY C 68 8.99 -22.91 3.16
C GLY C 68 7.90 -23.80 3.70
N THR C 69 8.27 -24.93 4.27
CA THR C 69 7.30 -25.87 4.82
C THR C 69 7.47 -26.15 6.31
N ASP C 70 8.65 -25.95 6.89
CA ASP C 70 8.94 -26.36 8.26
C ASP C 70 9.10 -25.13 9.15
N PHE C 71 8.25 -25.02 10.17
CA PHE C 71 8.21 -23.85 11.03
C PHE C 71 8.29 -24.29 12.47
N ILE C 72 8.94 -23.45 13.28
CA ILE C 72 9.20 -23.77 14.68
C ILE C 72 8.87 -22.56 15.55
N PHE C 73 8.06 -22.79 16.58
CA PHE C 73 7.78 -21.79 17.61
C PHE C 73 8.54 -22.19 18.86
N THR C 74 9.27 -21.25 19.46
CA THR C 74 10.13 -21.58 20.58
C THR C 74 9.90 -20.64 21.75
N ILE C 75 9.84 -21.23 22.94
CA ILE C 75 9.91 -20.49 24.19
C ILE C 75 11.27 -20.77 24.80
N SER C 76 12.07 -19.72 24.98
CA SER C 76 13.46 -19.91 25.39
C SER C 76 13.55 -20.29 26.85
N SER C 77 12.66 -19.75 27.69
CA SER C 77 12.62 -20.07 29.12
C SER C 77 11.16 -20.00 29.55
N VAL C 78 10.54 -21.16 29.65
CA VAL C 78 9.11 -21.23 29.92
C VAL C 78 8.81 -20.64 31.30
N GLN C 79 7.75 -19.83 31.37
CA GLN C 79 7.21 -19.34 32.62
C GLN C 79 5.91 -20.06 32.93
N ALA C 80 5.53 -20.06 34.21
CA ALA C 80 4.41 -20.91 34.65
C ALA C 80 3.12 -20.56 33.93
N GLU C 81 2.95 -19.29 33.56
CA GLU C 81 1.74 -18.82 32.91
C GLU C 81 1.73 -19.10 31.42
N ASP C 82 2.73 -19.77 30.87
CA ASP C 82 2.80 -20.02 29.44
C ASP C 82 2.00 -21.24 29.00
N LEU C 83 1.36 -21.95 29.92
CA LEU C 83 0.45 -23.02 29.50
C LEU C 83 -0.65 -22.42 28.66
N ALA C 84 -0.89 -23.05 27.52
CA ALA C 84 -1.84 -22.55 26.53
C ALA C 84 -1.82 -23.56 25.39
N VAL C 85 -2.72 -23.34 24.44
CA VAL C 85 -2.64 -24.04 23.16
C VAL C 85 -2.04 -23.08 22.14
N TYR C 86 -1.04 -23.56 21.42
CA TYR C 86 -0.34 -22.77 20.42
C TYR C 86 -0.71 -23.27 19.03
N TYR C 87 -1.11 -22.35 18.15
CA TYR C 87 -1.54 -22.68 16.80
C TYR C 87 -0.71 -21.94 15.77
N CYS C 88 -0.32 -22.65 14.72
CA CYS C 88 0.21 -21.99 13.54
C CYS C 88 -0.90 -21.78 12.52
N GLN C 89 -0.66 -20.86 11.60
CA GLN C 89 -1.64 -20.50 10.58
C GLN C 89 -0.88 -20.02 9.35
N GLN C 90 -1.35 -20.38 8.16
CA GLN C 90 -0.77 -19.88 6.92
C GLN C 90 -1.73 -18.92 6.24
N HIS C 91 -1.16 -17.92 5.59
CA HIS C 91 -1.90 -16.97 4.77
C HIS C 91 -1.18 -16.73 3.45
N TYR C 92 -0.46 -17.74 2.96
CA TYR C 92 0.14 -17.66 1.64
C TYR C 92 -0.92 -17.76 0.56
N SER C 93 -1.92 -18.61 0.77
CA SER C 93 -2.95 -18.87 -0.21
C SER C 93 -4.31 -18.92 0.49
N ALA C 94 -5.32 -18.39 -0.19
CA ALA C 94 -6.65 -18.42 0.40
C ALA C 94 -7.30 -19.79 0.19
N PRO C 95 -8.06 -20.28 1.16
CA PRO C 95 -8.34 -19.69 2.46
C PRO C 95 -7.22 -19.89 3.45
N PRO C 96 -7.02 -18.96 4.39
CA PRO C 96 -6.09 -19.23 5.50
C PRO C 96 -6.48 -20.52 6.20
N THR C 97 -5.48 -21.22 6.73
CA THR C 97 -5.71 -22.46 7.43
C THR C 97 -4.87 -22.50 8.70
N PHE C 98 -5.43 -23.14 9.73
CA PHE C 98 -4.78 -23.32 11.01
C PHE C 98 -4.21 -24.73 11.14
N GLY C 99 -3.08 -24.83 11.84
CA GLY C 99 -2.69 -26.12 12.37
C GLY C 99 -3.63 -26.57 13.47
N GLY C 100 -3.50 -27.84 13.85
CA GLY C 100 -4.39 -28.43 14.83
C GLY C 100 -4.12 -28.03 16.27
N GLY C 101 -3.01 -27.36 16.53
CA GLY C 101 -2.70 -26.86 17.85
C GLY C 101 -1.86 -27.81 18.67
N THR C 102 -1.07 -27.23 19.56
CA THR C 102 -0.26 -27.98 20.51
C THR C 102 -0.49 -27.41 21.89
N LYS C 103 -0.95 -28.24 22.82
CA LYS C 103 -1.20 -27.81 24.18
C LYS C 103 0.07 -27.96 25.00
N LEU C 104 0.59 -26.87 25.51
CA LEU C 104 1.78 -26.87 26.34
C LEU C 104 1.34 -27.10 27.77
N GLU C 105 1.89 -28.14 28.42
CA GLU C 105 1.64 -28.49 29.81
C GLU C 105 2.94 -28.34 30.61
#